data_7NBK
#
_entry.id   7NBK
#
_entity_poly.entity_id   1
_entity_poly.type   'polydeoxyribonucleotide'
_entity_poly.pdbx_seq_one_letter_code
;(DC)(DG)(DT)(DA)(U7B)(DG)
;
_entity_poly.pdbx_strand_id   A,B
#